data_4CS0
#
_entry.id   4CS0
#
_cell.length_a   86.270
_cell.length_b   86.270
_cell.length_c   80.810
_cell.angle_alpha   90.00
_cell.angle_beta   90.00
_cell.angle_gamma   90.00
#
_symmetry.space_group_name_H-M   'I 4'
#
loop_
_entity.id
_entity.type
_entity.pdbx_description
1 polymer 'ASPARTATE 1-DECARBOXYLASE'
2 polymer PANZ
3 non-polymer 'THIOCYANATE ION'
4 non-polymer 'ACETYL COENZYME *A'
5 non-polymer 'MAGNESIUM ION'
6 water water
#
loop_
_entity_poly.entity_id
_entity_poly.type
_entity_poly.pdbx_seq_one_letter_code
_entity_poly.pdbx_strand_id
1 'polypeptide(L)'
;MRGSHHHHHHGLVPRGSMIRTMLQGKLHRVKVTHADLHYEGACAIDQDFLDAAGILENEAIDIWNVTNGKRFSTYAIAAE
RGSRIISVNGAAAH(CSO)ASVGDIVIIASFVTMPDEEARTWRPNVAYFEGDNEMKRTAKAIPVQVA
;
A
2 'polypeptide(L)'
;MKLTIIRLEKFSDQDRIDLQKIWPEYSPSSLQVDDNHRIYAARFNERLLAAVRVTLSGTEGALDSLRVREVTRRRGVGQY
LLEEVLRNNPGVSCWWMADAGVEDRGVMTAFMQALGFTAQQGGWEKCSGLEHHHHHH
;
B
#
# COMPACT_ATOMS: atom_id res chain seq x y z
N SER A 17 19.50 25.74 -4.39
CA SER A 17 20.48 24.83 -3.71
C SER A 17 20.29 24.68 -2.18
N MET A 18 19.05 24.70 -1.68
CA MET A 18 18.82 24.09 -0.38
C MET A 18 18.54 22.62 -0.60
N ILE A 19 19.19 21.80 0.20
CA ILE A 19 19.14 20.36 0.11
C ILE A 19 18.30 19.76 1.25
N ARG A 20 17.34 18.88 0.91
CA ARG A 20 16.44 18.26 1.81
C ARG A 20 16.84 16.87 2.03
N THR A 21 16.49 16.36 3.22
CA THR A 21 16.62 14.93 3.54
C THR A 21 15.27 14.25 3.49
N MET A 22 15.18 13.27 2.57
CA MET A 22 13.95 12.65 2.17
C MET A 22 14.05 11.14 2.46
N LEU A 23 12.95 10.56 2.91
CA LEU A 23 12.79 9.12 3.01
C LEU A 23 12.94 8.52 1.65
N GLN A 24 13.90 7.61 1.49
CA GLN A 24 14.23 7.04 0.22
C GLN A 24 13.38 5.78 0.04
N GLY A 25 13.26 5.00 1.12
CA GLY A 25 12.56 3.74 1.06
C GLY A 25 12.47 3.11 2.41
N LYS A 26 11.58 2.15 2.58
CA LYS A 26 11.39 1.49 3.87
C LYS A 26 10.87 0.13 3.73
N LEU A 27 11.27 -0.73 4.69
CA LEU A 27 10.74 -2.02 4.84
C LEU A 27 9.83 -1.97 6.03
N HIS A 28 8.54 -2.22 5.79
CA HIS A 28 7.57 -1.93 6.78
C HIS A 28 7.17 -3.19 7.50
N ARG A 29 7.58 -3.30 8.74
CA ARG A 29 7.14 -4.36 9.65
C ARG A 29 7.67 -5.75 9.26
N VAL A 30 8.97 -5.83 9.06
CA VAL A 30 9.66 -7.11 8.93
C VAL A 30 9.91 -7.65 10.30
N LYS A 31 10.15 -8.93 10.35
CA LYS A 31 10.42 -9.62 11.60
CA LYS A 31 10.41 -9.63 11.58
C LYS A 31 11.91 -9.93 11.69
N VAL A 32 12.52 -9.60 12.81
CA VAL A 32 13.85 -10.05 13.03
C VAL A 32 13.95 -11.58 13.03
N THR A 33 14.81 -12.14 12.18
CA THR A 33 15.00 -13.60 12.15
C THR A 33 16.21 -14.12 12.93
N HIS A 34 17.25 -13.32 13.06
CA HIS A 34 18.42 -13.68 13.84
C HIS A 34 18.95 -12.47 14.57
N ALA A 35 19.53 -12.67 15.75
CA ALA A 35 20.17 -11.59 16.48
C ALA A 35 21.28 -12.15 17.31
N ASP A 36 22.47 -11.70 17.09
CA ASP A 36 23.57 -12.30 17.73
C ASP A 36 24.68 -11.33 17.84
N LEU A 37 25.13 -11.17 19.07
CA LEU A 37 26.22 -10.27 19.42
C LEU A 37 27.54 -10.58 18.75
N HIS A 38 27.74 -11.86 18.44
CA HIS A 38 28.97 -12.40 17.87
C HIS A 38 29.06 -12.37 16.34
N TYR A 39 27.96 -12.09 15.68
CA TYR A 39 27.99 -11.89 14.25
C TYR A 39 28.64 -10.56 13.90
N GLU A 40 29.31 -10.53 12.77
CA GLU A 40 29.60 -9.28 12.15
C GLU A 40 28.38 -8.56 11.41
N GLY A 41 28.19 -7.31 11.81
CA GLY A 41 27.72 -6.11 10.96
C GLY A 41 26.49 -5.87 10.03
N ALA A 42 25.75 -4.78 10.27
CA ALA A 42 25.22 -4.75 11.59
C ALA A 42 23.77 -5.14 11.35
N CYS A 43 23.20 -4.91 10.15
CA CYS A 43 21.91 -5.57 9.75
C CYS A 43 21.95 -6.25 8.38
N ALA A 44 21.88 -7.60 8.40
CA ALA A 44 21.93 -8.32 7.14
C ALA A 44 20.50 -8.49 6.67
N ILE A 45 20.25 -8.12 5.41
CA ILE A 45 18.91 -8.07 4.85
C ILE A 45 18.84 -8.85 3.52
N ASP A 46 17.89 -9.79 3.41
CA ASP A 46 17.59 -10.47 2.11
C ASP A 46 17.65 -9.49 0.97
N GLN A 47 18.48 -9.79 0.01
CA GLN A 47 18.66 -9.21 -1.07
CA GLN A 47 18.67 -8.89 -1.12
C GLN A 47 17.39 -8.57 -1.88
N ASP A 48 16.36 -9.45 -1.92
CA ASP A 48 15.14 -9.10 -2.57
C ASP A 48 14.47 -7.93 -1.86
N PHE A 49 14.60 -7.88 -0.55
CA PHE A 49 14.03 -6.84 0.29
C PHE A 49 14.77 -5.51 0.04
N LEU A 50 16.09 -5.54 -0.01
CA LEU A 50 16.87 -4.37 -0.32
C LEU A 50 16.43 -3.80 -1.69
N ASP A 51 16.42 -4.66 -2.70
CA ASP A 51 15.98 -4.23 -4.03
C ASP A 51 14.59 -3.59 -3.94
N ALA A 52 13.67 -4.19 -3.23
CA ALA A 52 12.29 -3.67 -3.21
C ALA A 52 12.28 -2.28 -2.64
N ALA A 53 13.15 -1.98 -1.69
CA ALA A 53 13.07 -0.65 -1.03
C ALA A 53 14.12 0.37 -1.54
N GLY A 54 14.93 -0.05 -2.54
CA GLY A 54 15.95 0.71 -3.15
C GLY A 54 17.13 0.90 -2.22
N ILE A 55 17.29 0.01 -1.23
CA ILE A 55 18.36 0.16 -0.25
C ILE A 55 19.60 -0.57 -0.76
N LEU A 56 20.78 0.04 -0.58
CA LEU A 56 22.03 -0.50 -1.07
C LEU A 56 22.85 -1.17 0.02
N GLU A 57 23.61 -2.19 -0.39
CA GLU A 57 24.60 -2.79 0.44
C GLU A 57 25.62 -1.71 0.87
N ASN A 58 25.85 -1.67 2.18
CA ASN A 58 26.73 -0.67 2.84
C ASN A 58 26.05 0.68 3.07
N GLU A 59 24.77 0.82 2.74
CA GLU A 59 24.08 2.08 3.02
C GLU A 59 23.63 2.19 4.47
N ALA A 60 23.70 3.42 5.03
CA ALA A 60 23.18 3.77 6.32
C ALA A 60 21.67 3.60 6.34
N ILE A 61 21.19 2.92 7.35
CA ILE A 61 19.81 2.69 7.55
C ILE A 61 19.47 2.98 9.02
N ASP A 62 18.22 3.35 9.24
CA ASP A 62 17.68 3.55 10.57
C ASP A 62 16.74 2.40 10.86
N ILE A 63 16.76 1.88 12.08
CA ILE A 63 15.86 0.81 12.50
C ILE A 63 15.01 1.26 13.68
N TRP A 64 13.68 1.19 13.47
CA TRP A 64 12.72 1.50 14.49
C TRP A 64 11.99 0.25 14.96
N ASN A 65 12.15 -0.12 16.23
CA ASN A 65 11.57 -1.34 16.77
C ASN A 65 10.21 -1.13 17.34
N VAL A 66 9.19 -1.63 16.68
CA VAL A 66 7.81 -1.47 17.16
C VAL A 66 7.57 -2.33 18.39
N THR A 67 8.27 -3.46 18.51
CA THR A 67 8.03 -4.28 19.62
C THR A 67 8.54 -3.61 20.91
N ASN A 68 9.73 -3.02 20.92
CA ASN A 68 10.31 -2.55 22.19
C ASN A 68 10.60 -1.08 22.18
N GLY A 69 10.31 -0.34 21.12
CA GLY A 69 10.52 1.10 21.14
C GLY A 69 11.89 1.62 20.79
N LYS A 70 12.90 0.77 20.64
CA LYS A 70 14.25 1.29 20.34
C LYS A 70 14.48 1.78 18.89
N ARG A 71 15.24 2.84 18.74
CA ARG A 71 15.48 3.52 17.52
C ARG A 71 17.01 3.61 17.43
N PHE A 72 17.61 3.08 16.39
CA PHE A 72 19.03 3.07 16.24
C PHE A 72 19.40 3.08 14.77
N SER A 73 20.62 3.50 14.51
CA SER A 73 21.14 3.60 13.16
C SER A 73 22.33 2.71 12.93
N THR A 74 22.40 2.15 11.74
CA THR A 74 23.47 1.18 11.41
C THR A 74 23.66 1.23 9.94
N TYR A 75 24.09 0.14 9.31
CA TYR A 75 24.26 0.14 7.84
C TYR A 75 23.82 -1.30 7.46
N ALA A 76 23.52 -1.49 6.19
CA ALA A 76 22.90 -2.69 5.74
C ALA A 76 23.97 -3.53 5.06
N ILE A 77 23.91 -4.83 5.29
CA ILE A 77 24.62 -5.73 4.37
C ILE A 77 23.65 -6.69 3.75
N ALA A 78 24.11 -7.34 2.66
CA ALA A 78 23.24 -8.32 1.97
C ALA A 78 23.09 -9.64 2.71
N ALA A 79 21.90 -10.23 2.68
CA ALA A 79 21.77 -11.64 3.00
C ALA A 79 21.25 -12.33 1.78
N GLU A 80 21.47 -13.64 1.72
CA GLU A 80 21.18 -14.48 0.55
C GLU A 80 19.75 -14.25 0.02
N ARG A 81 19.64 -13.92 -1.23
CA ARG A 81 18.36 -13.73 -1.90
C ARG A 81 17.34 -14.85 -1.64
N GLY A 82 16.11 -14.55 -1.20
CA GLY A 82 15.16 -15.62 -0.91
C GLY A 82 15.22 -16.22 0.48
N SER A 83 16.26 -15.97 1.27
CA SER A 83 16.32 -16.43 2.67
C SER A 83 15.34 -15.79 3.61
N ARG A 84 14.86 -14.60 3.30
CA ARG A 84 14.01 -13.83 4.19
C ARG A 84 14.63 -13.36 5.52
N ILE A 85 15.93 -13.39 5.55
CA ILE A 85 16.65 -13.07 6.71
C ILE A 85 16.66 -11.56 6.99
N ILE A 86 16.39 -11.25 8.26
CA ILE A 86 16.63 -9.91 8.92
C ILE A 86 17.51 -10.25 10.09
N SER A 87 18.81 -10.05 9.95
CA SER A 87 19.74 -10.46 10.94
C SER A 87 20.32 -9.22 11.62
N VAL A 88 20.11 -9.11 12.92
CA VAL A 88 20.58 -7.92 13.65
C VAL A 88 21.82 -8.30 14.43
N ASN A 89 22.94 -7.72 14.05
CA ASN A 89 24.23 -8.33 14.30
C ASN A 89 25.18 -7.39 15.12
N GLY A 90 26.07 -7.97 15.89
CA GLY A 90 27.06 -7.21 16.63
C GLY A 90 26.38 -6.38 17.70
N ALA A 91 26.89 -5.19 17.91
CA ALA A 91 26.39 -4.32 18.96
C ALA A 91 24.90 -4.09 18.84
N ALA A 92 24.37 -4.11 17.63
CA ALA A 92 22.95 -3.83 17.43
C ALA A 92 22.08 -4.85 18.09
N ALA A 93 22.59 -6.09 18.33
CA ALA A 93 21.80 -7.13 18.92
C ALA A 93 21.44 -6.81 20.37
N HIS A 94 21.99 -5.77 20.93
CA HIS A 94 21.47 -5.26 22.20
C HIS A 94 20.09 -4.57 22.04
N ALA A 96 17.55 -5.43 19.70
CA ALA A 96 16.45 -6.18 19.15
C ALA A 96 16.62 -7.62 19.43
N SER A 97 15.53 -8.35 19.52
CA SER A 97 15.47 -9.81 19.71
C SER A 97 14.80 -10.54 18.53
N VAL A 98 15.04 -11.83 18.49
CA VAL A 98 14.43 -12.65 17.49
C VAL A 98 12.91 -12.53 17.67
N GLY A 99 12.21 -12.28 16.54
CA GLY A 99 10.78 -12.09 16.48
C GLY A 99 10.28 -10.63 16.59
N ASP A 100 11.15 -9.68 16.89
CA ASP A 100 10.71 -8.28 17.00
C ASP A 100 10.27 -7.81 15.62
N ILE A 101 9.35 -6.87 15.60
CA ILE A 101 8.80 -6.29 14.39
C ILE A 101 9.50 -4.96 14.30
N VAL A 102 10.10 -4.76 13.15
CA VAL A 102 10.89 -3.53 12.94
C VAL A 102 10.51 -2.87 11.64
N ILE A 103 10.80 -1.56 11.57
CA ILE A 103 10.80 -0.79 10.33
C ILE A 103 12.22 -0.33 10.01
N ILE A 104 12.64 -0.57 8.76
CA ILE A 104 13.93 -0.24 8.26
C ILE A 104 13.79 0.81 7.17
N ALA A 105 14.54 1.90 7.34
CA ALA A 105 14.45 3.05 6.45
C ALA A 105 15.77 3.56 6.02
N SER A 106 15.85 4.06 4.80
CA SER A 106 17.00 4.90 4.46
C SER A 106 16.52 6.24 3.90
N PHE A 107 17.47 7.18 3.87
CA PHE A 107 17.23 8.55 3.61
C PHE A 107 18.27 9.00 2.64
N VAL A 108 17.86 9.88 1.75
CA VAL A 108 18.76 10.46 0.75
C VAL A 108 18.53 11.93 0.76
N THR A 109 19.47 12.66 0.14
CA THR A 109 19.39 14.10 0.03
C THR A 109 19.30 14.47 -1.47
N MET A 110 18.58 15.53 -1.69
CA MET A 110 18.33 16.05 -3.07
C MET A 110 17.87 17.48 -2.90
N PRO A 111 18.10 18.32 -3.93
CA PRO A 111 17.57 19.69 -4.03
C PRO A 111 16.11 19.75 -3.77
N ASP A 112 15.69 20.85 -3.20
CA ASP A 112 14.27 21.12 -2.90
C ASP A 112 13.28 20.88 -4.06
N GLU A 113 13.61 21.40 -5.23
CA GLU A 113 12.83 21.16 -6.44
C GLU A 113 12.56 19.66 -6.67
N GLU A 114 13.56 18.82 -6.58
CA GLU A 114 13.30 17.36 -6.74
C GLU A 114 12.56 16.73 -5.61
N ALA A 115 12.73 17.34 -4.45
CA ALA A 115 12.12 16.79 -3.23
C ALA A 115 10.63 16.93 -3.27
N ARG A 116 10.16 18.00 -3.88
CA ARG A 116 8.69 18.27 -3.94
C ARG A 116 7.97 17.22 -4.75
N THR A 117 8.64 16.59 -5.72
CA THR A 117 7.99 15.49 -6.48
C THR A 117 8.56 14.09 -6.14
N TRP A 118 9.23 13.91 -4.99
CA TRP A 118 9.91 12.63 -4.75
C TRP A 118 8.91 11.55 -4.32
N ARG A 119 9.08 10.31 -4.75
CA ARG A 119 8.24 9.22 -4.31
C ARG A 119 9.11 8.13 -3.72
N PRO A 120 8.86 7.76 -2.46
CA PRO A 120 9.76 6.78 -1.78
C PRO A 120 9.47 5.34 -2.21
N ASN A 121 10.41 4.41 -2.09
CA ASN A 121 10.16 2.99 -2.35
C ASN A 121 9.74 2.31 -1.13
N VAL A 122 8.48 1.92 -1.08
CA VAL A 122 7.98 1.33 0.11
C VAL A 122 7.57 -0.13 -0.02
N ALA A 123 8.00 -1.01 0.93
CA ALA A 123 7.63 -2.41 0.88
C ALA A 123 6.94 -2.87 2.16
N TYR A 124 5.82 -3.61 2.02
CA TYR A 124 4.96 -4.05 3.13
C TYR A 124 5.03 -5.58 3.35
N PHE A 125 5.17 -5.98 4.59
CA PHE A 125 5.39 -7.35 4.93
C PHE A 125 4.35 -7.82 5.89
N GLU A 126 4.00 -9.11 5.74
CA GLU A 126 3.18 -9.83 6.72
C GLU A 126 3.71 -11.24 7.04
N GLY A 127 3.27 -11.83 8.14
CA GLY A 127 3.57 -13.21 8.50
C GLY A 127 5.08 -13.43 8.57
N ASP A 128 5.58 -14.44 7.88
CA ASP A 128 7.02 -14.74 7.99
C ASP A 128 7.87 -14.05 6.93
N ASN A 129 7.93 -12.72 7.08
CA ASN A 129 8.58 -11.85 6.12
C ASN A 129 8.12 -12.14 4.67
N GLU A 130 6.80 -12.26 4.45
CA GLU A 130 6.22 -12.35 3.10
C GLU A 130 5.92 -10.96 2.56
N MET A 131 6.47 -10.59 1.41
CA MET A 131 6.32 -9.28 0.93
C MET A 131 4.94 -9.20 0.29
N LYS A 132 4.11 -8.31 0.76
CA LYS A 132 2.76 -8.28 0.36
C LYS A 132 2.54 -7.25 -0.74
N ARG A 133 3.26 -6.13 -0.73
CA ARG A 133 2.92 -4.99 -1.54
C ARG A 133 4.18 -4.10 -1.64
N THR A 134 4.47 -3.54 -2.81
CA THR A 134 5.39 -2.46 -2.95
C THR A 134 4.58 -1.27 -3.39
N ALA A 135 4.99 -0.08 -3.01
CA ALA A 135 4.31 1.12 -3.49
C ALA A 135 5.27 2.31 -3.49
N LYS A 136 4.76 3.45 -3.98
CA LYS A 136 5.56 4.64 -4.25
C LYS A 136 5.01 5.84 -3.50
N ALA A 137 4.09 5.64 -2.59
CA ALA A 137 3.49 6.77 -1.89
C ALA A 137 2.80 6.22 -0.70
N ILE A 138 2.68 7.04 0.33
CA ILE A 138 1.90 6.78 1.58
C ILE A 138 0.66 7.65 1.50
N PRO A 139 -0.53 7.08 1.81
CA PRO A 139 -1.75 7.89 1.69
C PRO A 139 -1.79 9.03 2.73
N VAL A 140 -2.74 9.93 2.54
CA VAL A 140 -3.00 10.97 3.54
C VAL A 140 -3.88 10.41 4.65
N GLN A 141 -3.48 10.68 5.87
CA GLN A 141 -4.30 10.37 7.06
C GLN A 141 -5.44 11.38 7.17
N VAL A 142 -6.67 10.88 7.20
CA VAL A 142 -7.89 11.70 7.33
C VAL A 142 -8.49 11.57 8.72
N ALA A 143 -9.20 12.62 9.11
CA ALA A 143 -9.97 12.72 10.35
C ALA A 143 -11.12 11.69 10.43
N MET B 1 -3.81 1.14 10.49
CA MET B 1 -2.85 0.21 9.80
C MET B 1 -2.59 0.66 8.39
N LYS B 2 -1.63 0.01 7.77
CA LYS B 2 -1.31 0.27 6.39
C LYS B 2 -2.57 0.12 5.51
N LEU B 3 -2.47 0.70 4.33
CA LEU B 3 -3.51 0.61 3.30
C LEU B 3 -3.89 -0.84 3.00
N THR B 4 -5.20 -1.09 3.16
CA THR B 4 -5.75 -2.43 3.06
C THR B 4 -7.04 -2.37 2.30
N ILE B 5 -7.24 -3.27 1.36
CA ILE B 5 -8.55 -3.44 0.72
C ILE B 5 -9.46 -4.47 1.47
N ILE B 6 -10.65 -4.03 1.83
CA ILE B 6 -11.59 -4.81 2.55
C ILE B 6 -12.90 -4.84 1.79
N ARG B 7 -13.58 -5.98 1.89
CA ARG B 7 -14.98 -6.14 1.50
C ARG B 7 -15.86 -5.81 2.69
N LEU B 8 -16.74 -4.82 2.60
CA LEU B 8 -17.59 -4.44 3.71
C LEU B 8 -18.90 -5.20 3.59
N GLU B 9 -19.16 -6.06 4.55
CA GLU B 9 -20.45 -6.78 4.63
C GLU B 9 -21.33 -6.15 5.73
N LYS B 10 -20.70 -5.68 6.80
CA LYS B 10 -21.41 -4.87 7.81
C LYS B 10 -20.62 -3.56 8.03
N PHE B 11 -21.34 -2.51 8.41
CA PHE B 11 -20.83 -1.16 8.48
C PHE B 11 -20.86 -0.70 9.90
N SER B 12 -19.72 -0.28 10.46
CA SER B 12 -19.72 0.41 11.73
C SER B 12 -20.23 1.83 11.59
N ASP B 13 -20.29 2.55 12.69
CA ASP B 13 -20.69 3.93 12.58
C ASP B 13 -19.53 4.72 11.98
N GLN B 14 -18.32 4.32 12.25
CA GLN B 14 -17.21 4.99 11.55
C GLN B 14 -17.36 4.78 10.03
N ASP B 15 -17.59 3.53 9.60
CA ASP B 15 -17.84 3.21 8.20
C ASP B 15 -18.92 4.08 7.57
N ARG B 16 -20.01 4.31 8.31
CA ARG B 16 -21.11 5.15 7.86
C ARG B 16 -20.71 6.58 7.68
N ILE B 17 -20.06 7.15 8.70
CA ILE B 17 -19.46 8.48 8.55
C ILE B 17 -18.49 8.50 7.37
N ASP B 18 -17.59 7.52 7.26
CA ASP B 18 -16.60 7.58 6.12
C ASP B 18 -17.28 7.53 4.74
N LEU B 19 -18.29 6.66 4.58
CA LEU B 19 -18.99 6.43 3.28
C LEU B 19 -19.83 7.64 2.84
N GLN B 20 -20.36 8.35 3.81
CA GLN B 20 -20.98 9.66 3.52
C GLN B 20 -19.98 10.66 2.94
N LYS B 21 -18.69 10.59 3.33
CA LYS B 21 -17.73 11.53 2.80
C LYS B 21 -17.30 11.08 1.45
N ILE B 22 -17.24 9.77 1.25
CA ILE B 22 -16.78 9.25 0.00
C ILE B 22 -17.91 9.42 -1.00
N TRP B 23 -19.13 9.11 -0.56
CA TRP B 23 -20.37 9.17 -1.37
C TRP B 23 -21.45 10.10 -0.79
N PRO B 24 -21.25 11.39 -0.90
CA PRO B 24 -22.32 12.24 -0.33
C PRO B 24 -23.73 12.00 -0.99
N GLU B 25 -23.76 11.70 -2.27
CA GLU B 25 -25.01 11.43 -2.94
C GLU B 25 -25.78 10.19 -2.42
N TYR B 26 -25.17 9.23 -1.72
CA TYR B 26 -25.94 8.05 -1.22
C TYR B 26 -26.22 8.02 0.27
N SER B 27 -27.35 7.47 0.69
CA SER B 27 -27.68 7.42 2.12
C SER B 27 -27.58 6.04 2.78
N PRO B 28 -26.41 5.70 3.40
CA PRO B 28 -26.37 4.37 4.03
C PRO B 28 -27.41 4.22 5.15
N SER B 29 -28.17 3.12 5.16
CA SER B 29 -27.99 2.01 4.22
C SER B 29 -29.15 1.87 3.22
N SER B 30 -29.33 2.88 2.39
CA SER B 30 -29.87 2.66 1.07
C SER B 30 -29.04 1.55 0.41
N LEU B 31 -27.74 1.50 0.76
CA LEU B 31 -26.77 0.52 0.23
C LEU B 31 -26.99 -0.96 0.60
N GLN B 32 -27.47 -1.73 -0.37
CA GLN B 32 -27.72 -3.18 -0.26
C GLN B 32 -26.47 -4.01 -0.44
N VAL B 33 -26.21 -4.94 0.44
CA VAL B 33 -25.09 -5.82 0.27
C VAL B 33 -25.54 -7.26 0.41
N ASP B 34 -25.25 -8.04 -0.59
CA ASP B 34 -25.49 -9.47 -0.56
C ASP B 34 -24.31 -10.04 -1.33
N ASP B 35 -24.42 -11.31 -1.70
CA ASP B 35 -23.32 -12.08 -2.20
C ASP B 35 -22.89 -11.60 -3.61
N ASN B 36 -23.85 -11.07 -4.39
CA ASN B 36 -23.58 -10.54 -5.71
C ASN B 36 -23.43 -9.02 -5.86
N HIS B 37 -23.75 -8.26 -4.83
CA HIS B 37 -23.63 -6.79 -4.79
C HIS B 37 -22.68 -6.50 -3.66
N ARG B 38 -21.47 -6.10 -4.03
CA ARG B 38 -20.42 -5.95 -3.05
C ARG B 38 -19.95 -4.52 -2.95
N ILE B 39 -19.42 -4.17 -1.79
CA ILE B 39 -18.72 -2.91 -1.66
C ILE B 39 -17.33 -3.18 -1.14
N TYR B 40 -16.36 -2.77 -1.92
CA TYR B 40 -14.98 -2.80 -1.46
C TYR B 40 -14.52 -1.36 -1.18
N ALA B 41 -13.67 -1.25 -0.17
CA ALA B 41 -13.23 0.00 0.37
C ALA B 41 -11.74 -0.07 0.67
N ALA B 42 -11.07 1.06 0.49
CA ALA B 42 -9.65 1.18 0.95
C ALA B 42 -9.59 1.79 2.33
N ARG B 43 -8.96 1.06 3.23
CA ARG B 43 -8.86 1.48 4.61
C ARG B 43 -7.39 1.87 4.96
N PHE B 44 -7.20 2.99 5.65
CA PHE B 44 -5.87 3.48 6.06
C PHE B 44 -5.99 4.21 7.38
N ASN B 45 -5.21 3.74 8.35
CA ASN B 45 -5.29 4.22 9.73
C ASN B 45 -6.73 4.41 10.33
N GLU B 46 -7.46 3.29 10.35
CA GLU B 46 -8.88 3.19 10.79
C GLU B 46 -9.87 4.13 10.07
N ARG B 47 -9.58 4.57 8.85
CA ARG B 47 -10.54 5.34 8.06
C ARG B 47 -10.64 4.83 6.61
N LEU B 48 -11.82 4.99 6.00
CA LEU B 48 -11.95 4.67 4.61
C LEU B 48 -11.62 5.83 3.74
N LEU B 49 -10.77 5.58 2.77
CA LEU B 49 -10.38 6.64 1.82
C LEU B 49 -11.02 6.54 0.42
N ALA B 50 -11.58 5.37 0.07
CA ALA B 50 -12.09 5.12 -1.31
C ALA B 50 -13.02 3.93 -1.27
N ALA B 51 -13.94 3.87 -2.22
CA ALA B 51 -14.92 2.80 -2.27
C ALA B 51 -15.31 2.56 -3.66
N VAL B 52 -15.80 1.33 -3.89
CA VAL B 52 -16.41 1.04 -5.19
C VAL B 52 -17.48 -0.03 -5.05
N ARG B 53 -18.48 0.01 -5.90
CA ARG B 53 -19.49 -1.06 -5.86
C ARG B 53 -19.25 -2.01 -6.95
N VAL B 54 -19.43 -3.29 -6.61
CA VAL B 54 -19.18 -4.41 -7.49
C VAL B 54 -20.48 -5.25 -7.62
N THR B 55 -20.90 -5.42 -8.86
CA THR B 55 -21.99 -6.36 -9.23
C THR B 55 -21.49 -7.57 -10.02
N LEU B 56 -21.64 -8.77 -9.45
CA LEU B 56 -21.15 -10.01 -10.10
C LEU B 56 -22.31 -10.79 -10.77
N SER B 57 -22.06 -11.30 -11.99
CA SER B 57 -22.95 -12.21 -12.75
C SER B 57 -22.10 -13.33 -13.31
N GLY B 58 -21.50 -14.09 -12.44
CA GLY B 58 -20.63 -15.16 -12.85
C GLY B 58 -19.39 -14.63 -13.53
N THR B 59 -19.20 -14.95 -14.83
CA THR B 59 -18.02 -14.51 -15.55
C THR B 59 -18.04 -13.03 -15.97
N GLU B 60 -19.14 -12.32 -15.72
CA GLU B 60 -19.25 -10.90 -16.00
C GLU B 60 -19.39 -10.14 -14.69
N GLY B 61 -18.84 -8.92 -14.65
CA GLY B 61 -18.76 -8.14 -13.40
C GLY B 61 -18.85 -6.70 -13.79
N ALA B 62 -19.65 -5.95 -13.06
CA ALA B 62 -19.81 -4.48 -13.28
C ALA B 62 -19.27 -3.68 -12.07
N LEU B 63 -18.66 -2.54 -12.38
CA LEU B 63 -18.11 -1.63 -11.39
C LEU B 63 -18.81 -0.30 -11.55
N ASP B 64 -19.20 0.25 -10.44
CA ASP B 64 -19.70 1.61 -10.42
C ASP B 64 -19.33 2.36 -9.11
N SER B 65 -19.41 3.68 -9.18
CA SER B 65 -19.27 4.54 -8.08
C SER B 65 -17.86 4.45 -7.48
N LEU B 66 -16.85 4.33 -8.34
CA LEU B 66 -15.45 4.33 -7.88
C LEU B 66 -15.09 5.75 -7.51
N ARG B 67 -14.75 5.94 -6.24
CA ARG B 67 -14.27 7.23 -5.80
C ARG B 67 -13.26 7.21 -4.70
N VAL B 68 -12.23 8.00 -4.93
CA VAL B 68 -11.17 8.19 -3.92
C VAL B 68 -11.34 9.60 -3.35
N ARG B 69 -11.30 9.75 -2.05
CA ARG B 69 -11.31 11.08 -1.44
CA ARG B 69 -11.36 11.10 -1.48
C ARG B 69 -10.30 12.03 -2.09
N GLU B 70 -10.77 13.23 -2.49
CA GLU B 70 -9.91 14.27 -3.11
C GLU B 70 -8.59 14.51 -2.39
N VAL B 71 -8.65 14.66 -1.08
CA VAL B 71 -7.41 14.87 -0.31
C VAL B 71 -6.32 13.83 -0.53
N THR B 72 -6.63 12.59 -0.93
CA THR B 72 -5.59 11.56 -0.97
C THR B 72 -5.38 10.94 -2.33
N ARG B 73 -5.77 11.66 -3.37
CA ARG B 73 -5.61 11.20 -4.73
C ARG B 73 -4.18 11.23 -5.18
N ARG B 74 -3.89 10.40 -6.19
CA ARG B 74 -2.59 10.25 -6.82
C ARG B 74 -1.51 9.70 -5.88
N ARG B 75 -1.96 8.91 -4.91
CA ARG B 75 -1.07 8.22 -4.03
CA ARG B 75 -1.09 8.21 -3.98
C ARG B 75 -1.22 6.72 -4.18
N GLY B 76 -1.82 6.28 -5.30
CA GLY B 76 -1.91 4.87 -5.62
C GLY B 76 -3.08 4.09 -4.99
N VAL B 77 -4.00 4.81 -4.36
CA VAL B 77 -5.04 4.18 -3.58
C VAL B 77 -6.06 3.57 -4.54
N GLY B 78 -6.45 4.36 -5.53
CA GLY B 78 -7.46 3.94 -6.51
C GLY B 78 -7.01 2.67 -7.21
N GLN B 79 -5.73 2.67 -7.65
CA GLN B 79 -5.14 1.56 -8.34
C GLN B 79 -5.11 0.28 -7.46
N TYR B 80 -4.68 0.41 -6.22
CA TYR B 80 -4.67 -0.74 -5.34
C TYR B 80 -6.10 -1.34 -5.02
N LEU B 81 -7.06 -0.47 -4.79
CA LEU B 81 -8.43 -0.85 -4.63
C LEU B 81 -8.91 -1.74 -5.85
N LEU B 82 -8.67 -1.24 -7.06
CA LEU B 82 -9.14 -1.96 -8.25
C LEU B 82 -8.44 -3.28 -8.47
N GLU B 83 -7.10 -3.30 -8.28
CA GLU B 83 -6.33 -4.57 -8.38
C GLU B 83 -6.80 -5.61 -7.38
N GLU B 84 -7.00 -5.20 -6.13
CA GLU B 84 -7.59 -6.10 -5.15
C GLU B 84 -9.01 -6.53 -5.55
N VAL B 85 -9.81 -5.65 -6.18
CA VAL B 85 -11.12 -6.13 -6.61
C VAL B 85 -10.94 -7.20 -7.71
N LEU B 86 -10.04 -7.00 -8.66
CA LEU B 86 -9.88 -7.92 -9.77
C LEU B 86 -9.35 -9.21 -9.22
N ARG B 87 -8.26 -9.14 -8.45
CA ARG B 87 -7.62 -10.28 -7.86
C ARG B 87 -8.52 -11.13 -7.00
N ASN B 88 -9.37 -10.51 -6.21
CA ASN B 88 -10.25 -11.28 -5.39
C ASN B 88 -11.55 -11.72 -6.11
N ASN B 89 -11.66 -11.56 -7.43
CA ASN B 89 -12.83 -12.12 -8.16
C ASN B 89 -12.33 -12.70 -9.41
N PRO B 90 -11.53 -13.75 -9.25
CA PRO B 90 -10.78 -14.35 -10.33
C PRO B 90 -11.71 -15.15 -11.26
N GLY B 91 -12.94 -15.46 -10.80
CA GLY B 91 -14.00 -16.00 -11.68
C GLY B 91 -14.48 -15.07 -12.81
N VAL B 92 -14.32 -13.77 -12.61
CA VAL B 92 -14.81 -12.82 -13.56
C VAL B 92 -13.81 -12.63 -14.66
N SER B 93 -14.21 -12.83 -15.88
CA SER B 93 -13.26 -12.71 -16.96
C SER B 93 -13.59 -11.53 -17.81
N CYS B 94 -14.74 -10.91 -17.54
CA CYS B 94 -15.12 -9.72 -18.25
C CYS B 94 -15.69 -8.66 -17.34
N TRP B 95 -14.95 -7.56 -17.23
CA TRP B 95 -15.35 -6.38 -16.42
C TRP B 95 -15.76 -5.13 -17.21
N TRP B 96 -16.77 -4.45 -16.70
CA TRP B 96 -17.33 -3.23 -17.29
C TRP B 96 -17.44 -2.17 -16.21
N MET B 97 -17.01 -0.93 -16.53
CA MET B 97 -17.42 0.22 -15.74
C MET B 97 -18.01 1.27 -16.64
N ALA B 98 -19.26 1.67 -16.37
CA ALA B 98 -19.93 2.72 -17.11
C ALA B 98 -19.40 4.06 -16.65
N ASP B 99 -19.41 5.01 -17.55
CA ASP B 99 -18.87 6.34 -17.24
C ASP B 99 -19.81 7.24 -16.44
N ALA B 100 -20.83 6.68 -15.78
CA ALA B 100 -21.84 7.44 -15.06
C ALA B 100 -21.30 8.13 -13.81
N GLY B 101 -21.73 9.36 -13.58
CA GLY B 101 -21.28 10.11 -12.39
C GLY B 101 -19.87 10.68 -12.45
N VAL B 102 -19.07 10.24 -13.40
CA VAL B 102 -17.69 10.62 -13.45
C VAL B 102 -17.48 12.13 -13.65
N GLU B 103 -16.84 12.77 -12.66
CA GLU B 103 -16.42 14.18 -12.75
C GLU B 103 -15.69 14.48 -14.05
N ASP B 104 -14.56 13.79 -14.24
CA ASP B 104 -13.57 14.14 -15.24
C ASP B 104 -13.24 12.88 -16.01
N ARG B 105 -13.92 12.76 -17.12
CA ARG B 105 -13.81 11.62 -17.91
C ARG B 105 -12.37 11.51 -18.42
N GLY B 106 -11.67 12.62 -18.59
CA GLY B 106 -10.30 12.52 -19.10
C GLY B 106 -9.33 11.81 -18.15
N VAL B 107 -9.53 12.09 -16.86
CA VAL B 107 -8.69 11.53 -15.76
C VAL B 107 -8.99 10.05 -15.57
N MET B 108 -10.29 9.76 -15.61
CA MET B 108 -10.79 8.42 -15.47
C MET B 108 -10.22 7.50 -16.53
N THR B 109 -10.23 7.98 -17.79
CA THR B 109 -9.70 7.16 -18.88
C THR B 109 -8.22 6.88 -18.70
N ALA B 110 -7.44 7.90 -18.32
CA ALA B 110 -6.02 7.66 -18.10
C ALA B 110 -5.82 6.66 -16.93
N PHE B 111 -6.61 6.81 -15.87
CA PHE B 111 -6.56 5.81 -14.79
C PHE B 111 -6.92 4.37 -15.28
N MET B 112 -8.08 4.24 -15.96
CA MET B 112 -8.56 2.93 -16.38
C MET B 112 -7.60 2.33 -17.37
N GLN B 113 -7.00 3.18 -18.20
CA GLN B 113 -5.90 2.67 -19.05
C GLN B 113 -4.68 2.13 -18.30
N ALA B 114 -4.31 2.78 -17.21
CA ALA B 114 -3.13 2.31 -16.43
C ALA B 114 -3.37 0.90 -15.89
N LEU B 115 -4.65 0.58 -15.68
CA LEU B 115 -5.11 -0.63 -15.10
C LEU B 115 -5.42 -1.63 -16.20
N GLY B 116 -5.35 -1.25 -17.47
CA GLY B 116 -5.48 -2.17 -18.63
C GLY B 116 -6.88 -2.31 -19.22
N PHE B 117 -7.70 -1.29 -18.99
CA PHE B 117 -9.04 -1.29 -19.44
C PHE B 117 -8.98 -0.52 -20.75
N THR B 118 -9.88 -0.83 -21.66
CA THR B 118 -10.02 -0.14 -22.93
C THR B 118 -11.22 0.75 -22.84
N ALA B 119 -11.08 1.97 -23.37
CA ALA B 119 -12.21 2.90 -23.47
C ALA B 119 -13.14 2.51 -24.62
N GLN B 120 -14.41 2.59 -24.32
CA GLN B 120 -15.47 2.15 -25.21
C GLN B 120 -16.49 3.18 -25.07
N GLN B 121 -17.49 3.11 -25.95
CA GLN B 121 -18.63 3.99 -25.82
C GLN B 121 -19.33 3.70 -24.51
N GLY B 122 -19.53 4.77 -23.72
CA GLY B 122 -20.23 4.66 -22.46
C GLY B 122 -19.42 4.08 -21.28
N GLY B 123 -18.16 3.76 -21.49
CA GLY B 123 -17.46 3.10 -20.41
C GLY B 123 -16.07 2.60 -20.66
N TRP B 124 -15.66 1.72 -19.76
CA TRP B 124 -14.40 1.00 -19.88
C TRP B 124 -14.62 -0.49 -19.62
N GLU B 125 -13.79 -1.29 -20.28
CA GLU B 125 -13.90 -2.72 -20.39
C GLU B 125 -12.51 -3.35 -20.30
N LYS B 126 -12.49 -4.52 -19.70
CA LYS B 126 -11.32 -5.38 -19.64
C LYS B 126 -11.87 -6.82 -19.63
N CYS B 127 -11.53 -7.57 -20.67
CA CYS B 127 -12.37 -8.67 -21.13
C CYS B 127 -11.69 -9.47 -22.22
#